data_5VVE
#
_entry.id   5VVE
#
_cell.length_a   77.610
_cell.length_b   89.330
_cell.length_c   157.880
_cell.angle_alpha   90.000
_cell.angle_beta   90.000
_cell.angle_gamma   90.000
#
_symmetry.space_group_name_H-M   'I 2 2 2'
#
loop_
_entity.id
_entity.type
_entity.pdbx_description
1 polymer 'Phosphoglycerate mutase'
2 non-polymer GLYCEROL
3 non-polymer 'CHLORIDE ION'
4 non-polymer 1,2-ETHANEDIOL
5 water water
#
_entity_poly.entity_id   1
_entity_poly.type   'polypeptide(L)'
_entity_poly.pdbx_seq_one_letter_code
;MAHHHHHHMVYKLVLIRHGESEWNKENKFTGWYDCGLSETGLKEAKEAGEILLKEGYEFDLCYTSFLKRAIKTLWIALET
MDAMYLPVVKHWRLNERHYGALQGLNKTQTAEKHGEEQVKIWRRSYDIPPPALEVTDERYPGHERKYQGLTQEELPKTES
LKLTVDRVLPYWNDVIAPSVKEGKRVLIAAHGNSLRALVKYLDNISEEEIVELNIPTGVPLVYELDENLKPIKHYYLGDQ
ELIQQKINSVASQASKKK
;
_entity_poly.pdbx_strand_id   A,B
#
# COMPACT_ATOMS: atom_id res chain seq x y z
N HIS A 8 -28.29 -2.95 -19.67
CA HIS A 8 -26.99 -3.62 -19.73
C HIS A 8 -25.91 -2.81 -19.00
N MET A 9 -25.11 -3.50 -18.20
CA MET A 9 -24.06 -2.86 -17.41
C MET A 9 -22.79 -2.69 -18.23
N VAL A 10 -22.03 -1.63 -17.91
CA VAL A 10 -20.69 -1.44 -18.45
C VAL A 10 -19.77 -1.21 -17.27
N TYR A 11 -18.71 -2.00 -17.19
CA TYR A 11 -17.68 -1.82 -16.18
C TYR A 11 -16.42 -1.32 -16.87
N LYS A 12 -15.66 -0.46 -16.19
CA LYS A 12 -14.35 -0.08 -16.69
C LYS A 12 -13.29 -0.69 -15.80
N LEU A 13 -12.30 -1.34 -16.43
CA LEU A 13 -11.14 -1.92 -15.77
C LEU A 13 -9.90 -1.21 -16.31
N VAL A 14 -8.99 -0.82 -15.43
CA VAL A 14 -7.77 -0.12 -15.87
C VAL A 14 -6.56 -0.95 -15.47
N LEU A 15 -5.62 -1.08 -16.41
CA LEU A 15 -4.38 -1.83 -16.23
C LEU A 15 -3.20 -0.89 -16.42
N ILE A 16 -2.15 -1.05 -15.60
CA ILE A 16 -0.92 -0.29 -15.78
C ILE A 16 0.24 -1.27 -15.72
N ARG A 17 1.08 -1.24 -16.75
CA ARG A 17 2.34 -1.99 -16.75
C ARG A 17 3.43 -1.06 -16.20
N HIS A 18 4.20 -1.54 -15.21
CA HIS A 18 5.23 -0.66 -14.66
C HIS A 18 6.30 -0.35 -15.70
N GLY A 19 7.02 0.73 -15.45
CA GLY A 19 8.07 1.20 -16.32
C GLY A 19 9.40 0.55 -15.97
N GLU A 20 10.47 1.14 -16.50
CA GLU A 20 11.80 0.55 -16.44
C GLU A 20 12.21 0.19 -15.01
N SER A 21 12.68 -1.04 -14.83
CA SER A 21 13.24 -1.46 -13.54
C SER A 21 14.75 -1.27 -13.51
N GLU A 22 15.34 -1.38 -12.30
CA GLU A 22 16.79 -1.31 -12.19
CA GLU A 22 16.79 -1.30 -12.20
C GLU A 22 17.45 -2.39 -13.04
N TRP A 23 16.89 -3.59 -13.03
CA TRP A 23 17.53 -4.67 -13.78
C TRP A 23 17.32 -4.54 -15.29
N ASN A 24 16.17 -3.99 -15.72
CA ASN A 24 15.99 -3.63 -17.12
C ASN A 24 17.15 -2.77 -17.59
N LYS A 25 17.41 -1.70 -16.83
CA LYS A 25 18.48 -0.76 -17.15
C LYS A 25 19.82 -1.47 -17.24
N GLU A 26 20.04 -2.48 -16.40
CA GLU A 26 21.28 -3.23 -16.34
C GLU A 26 21.31 -4.41 -17.31
N ASN A 27 20.27 -4.59 -18.11
CA ASN A 27 20.22 -5.61 -19.15
C ASN A 27 20.30 -7.02 -18.54
N LYS A 28 19.59 -7.22 -17.43
CA LYS A 28 19.51 -8.50 -16.76
C LYS A 28 18.11 -9.07 -16.86
N PHE A 29 18.00 -10.39 -17.00
CA PHE A 29 16.70 -11.07 -16.89
C PHE A 29 16.21 -10.96 -15.46
N THR A 30 14.94 -10.58 -15.28
CA THR A 30 14.45 -10.32 -13.93
C THR A 30 13.50 -11.39 -13.44
N GLY A 31 12.35 -11.57 -14.10
CA GLY A 31 11.41 -12.57 -13.63
C GLY A 31 10.89 -12.22 -12.24
N TRP A 32 10.98 -13.19 -11.33
CA TRP A 32 10.53 -12.96 -9.97
C TRP A 32 11.61 -12.29 -9.11
N TYR A 33 12.78 -11.97 -9.64
CA TYR A 33 13.74 -11.23 -8.80
C TYR A 33 13.14 -9.88 -8.45
N ASP A 34 13.26 -9.48 -7.19
CA ASP A 34 12.44 -8.36 -6.71
C ASP A 34 13.20 -7.03 -6.75
N CYS A 35 13.60 -6.59 -7.93
CA CYS A 35 14.33 -5.33 -8.04
C CYS A 35 13.37 -4.13 -8.03
N GLY A 36 13.94 -2.96 -7.72
CA GLY A 36 13.16 -1.74 -7.75
C GLY A 36 13.05 -1.12 -9.15
N LEU A 37 12.29 -0.02 -9.20
CA LEU A 37 12.22 0.83 -10.39
C LEU A 37 13.48 1.67 -10.58
N SER A 38 13.83 1.93 -11.84
CA SER A 38 14.81 2.95 -12.16
C SER A 38 14.19 4.34 -12.04
N GLU A 39 15.01 5.37 -12.17
CA GLU A 39 14.47 6.73 -12.17
C GLU A 39 13.41 6.90 -13.24
N THR A 40 13.64 6.32 -14.43
CA THR A 40 12.64 6.37 -15.49
C THR A 40 11.37 5.63 -15.10
N GLY A 41 11.48 4.44 -14.51
CA GLY A 41 10.30 3.75 -14.05
C GLY A 41 9.51 4.54 -13.02
N LEU A 42 10.23 5.24 -12.12
CA LEU A 42 9.54 6.07 -11.13
C LEU A 42 8.82 7.23 -11.81
N LYS A 43 9.49 7.88 -12.77
CA LYS A 43 8.87 8.95 -13.56
C LYS A 43 7.61 8.45 -14.26
N GLU A 44 7.67 7.26 -14.86
CA GLU A 44 6.53 6.73 -15.61
C GLU A 44 5.34 6.44 -14.71
N ALA A 45 5.58 5.98 -13.47
CA ALA A 45 4.47 5.75 -12.55
C ALA A 45 3.73 7.05 -12.26
N LYS A 46 4.47 8.13 -12.04
CA LYS A 46 3.82 9.42 -11.80
CA LYS A 46 3.82 9.42 -11.80
C LYS A 46 3.09 9.90 -13.06
N GLU A 47 3.69 9.71 -14.24
CA GLU A 47 3.01 10.10 -15.47
C GLU A 47 1.67 9.39 -15.61
N ALA A 48 1.65 8.07 -15.32
CA ALA A 48 0.41 7.31 -15.42
C ALA A 48 -0.63 7.85 -14.45
N GLY A 49 -0.21 8.17 -13.22
CA GLY A 49 -1.13 8.79 -12.29
C GLY A 49 -1.68 10.12 -12.78
N GLU A 50 -0.82 10.94 -13.40
CA GLU A 50 -1.28 12.26 -13.85
C GLU A 50 -2.30 12.11 -14.96
N ILE A 51 -2.09 11.15 -15.87
CA ILE A 51 -3.03 10.91 -16.97
C ILE A 51 -4.39 10.48 -16.40
N LEU A 52 -4.37 9.53 -15.46
CA LEU A 52 -5.62 9.06 -14.86
C LEU A 52 -6.35 10.20 -14.18
N LEU A 53 -5.62 11.04 -13.45
CA LEU A 53 -6.23 12.19 -12.78
C LEU A 53 -6.77 13.19 -13.80
N LYS A 54 -6.00 13.47 -14.84
CA LYS A 54 -6.46 14.41 -15.86
C LYS A 54 -7.74 13.92 -16.54
N GLU A 55 -7.83 12.61 -16.79
CA GLU A 55 -8.94 12.03 -17.54
C GLU A 55 -10.12 11.66 -16.66
N GLY A 56 -10.08 12.03 -15.40
CA GLY A 56 -11.20 11.81 -14.50
C GLY A 56 -11.38 10.38 -14.01
N TYR A 57 -10.36 9.54 -14.06
CA TYR A 57 -10.54 8.17 -13.58
C TYR A 57 -10.55 8.12 -12.05
N GLU A 58 -11.55 7.40 -11.51
CA GLU A 58 -11.70 7.18 -10.08
C GLU A 58 -11.76 5.70 -9.82
N PHE A 59 -11.12 5.24 -8.74
CA PHE A 59 -11.08 3.82 -8.43
C PHE A 59 -11.65 3.56 -7.05
N ASP A 60 -12.05 2.30 -6.84
CA ASP A 60 -12.53 1.82 -5.56
C ASP A 60 -11.64 0.74 -4.95
N LEU A 61 -10.82 0.08 -5.74
CA LEU A 61 -10.08 -1.11 -5.31
C LEU A 61 -8.90 -1.29 -6.25
N CYS A 62 -7.72 -1.62 -5.70
CA CYS A 62 -6.53 -1.77 -6.52
C CYS A 62 -5.92 -3.14 -6.28
N TYR A 63 -5.41 -3.74 -7.33
CA TYR A 63 -4.67 -5.00 -7.23
C TYR A 63 -3.26 -4.80 -7.74
N THR A 64 -2.30 -5.50 -7.12
CA THR A 64 -0.93 -5.51 -7.65
C THR A 64 -0.28 -6.83 -7.25
N SER A 65 0.99 -6.98 -7.63
CA SER A 65 1.70 -8.24 -7.42
C SER A 65 2.45 -8.21 -6.08
N PHE A 66 3.32 -9.20 -5.88
CA PHE A 66 4.23 -9.19 -4.73
C PHE A 66 5.56 -8.51 -5.05
N LEU A 67 5.76 -8.04 -6.29
CA LEU A 67 7.03 -7.50 -6.73
C LEU A 67 7.02 -5.98 -6.56
N LYS A 68 8.05 -5.45 -5.89
CA LYS A 68 8.05 -4.05 -5.49
C LYS A 68 8.06 -3.08 -6.68
N ARG A 69 8.58 -3.50 -7.84
CA ARG A 69 8.51 -2.59 -8.97
C ARG A 69 7.06 -2.32 -9.40
N ALA A 70 6.15 -3.29 -9.20
CA ALA A 70 4.74 -3.03 -9.50
C ALA A 70 4.08 -2.35 -8.32
N ILE A 71 4.41 -2.79 -7.09
CA ILE A 71 3.77 -2.17 -5.91
C ILE A 71 4.10 -0.68 -5.85
N LYS A 72 5.38 -0.34 -6.06
CA LYS A 72 5.77 1.07 -6.03
C LYS A 72 5.08 1.86 -7.14
N THR A 73 4.92 1.25 -8.31
CA THR A 73 4.18 1.91 -9.37
C THR A 73 2.78 2.27 -8.90
N LEU A 74 2.10 1.31 -8.27
CA LEU A 74 0.75 1.60 -7.77
C LEU A 74 0.78 2.67 -6.69
N TRP A 75 1.72 2.58 -5.75
CA TRP A 75 1.75 3.57 -4.67
C TRP A 75 2.01 4.98 -5.19
N ILE A 76 2.92 5.10 -6.16
CA ILE A 76 3.18 6.41 -6.78
C ILE A 76 1.94 6.90 -7.49
N ALA A 77 1.27 6.02 -8.25
CA ALA A 77 0.06 6.45 -8.95
C ALA A 77 -0.98 6.93 -7.96
N LEU A 78 -1.20 6.17 -6.88
CA LEU A 78 -2.18 6.57 -5.87
C LEU A 78 -1.81 7.89 -5.20
N GLU A 79 -0.53 8.09 -4.86
CA GLU A 79 -0.11 9.36 -4.30
C GLU A 79 -0.42 10.52 -5.24
N THR A 80 -0.10 10.32 -6.54
CA THR A 80 -0.34 11.34 -7.55
C THR A 80 -1.83 11.65 -7.71
N MET A 81 -2.67 10.62 -7.59
CA MET A 81 -4.12 10.78 -7.72
C MET A 81 -4.80 11.20 -6.43
N ASP A 82 -4.04 11.37 -5.34
CA ASP A 82 -4.60 11.67 -4.02
C ASP A 82 -5.65 10.62 -3.64
N ALA A 83 -5.30 9.34 -3.88
CA ALA A 83 -6.17 8.21 -3.60
C ALA A 83 -5.48 7.20 -2.70
N MET A 84 -4.62 7.68 -1.78
CA MET A 84 -3.77 6.76 -1.03
C MET A 84 -4.56 5.94 -0.01
N TYR A 85 -5.79 6.36 0.31
CA TYR A 85 -6.62 5.63 1.25
C TYR A 85 -7.29 4.39 0.65
N LEU A 86 -7.21 4.19 -0.68
CA LEU A 86 -7.98 3.12 -1.31
C LEU A 86 -7.46 1.75 -0.87
N PRO A 87 -8.37 0.77 -0.76
CA PRO A 87 -7.94 -0.62 -0.51
C PRO A 87 -7.06 -1.16 -1.63
N VAL A 88 -5.96 -1.80 -1.21
CA VAL A 88 -4.97 -2.40 -2.09
C VAL A 88 -4.87 -3.87 -1.72
N VAL A 89 -4.89 -4.74 -2.73
CA VAL A 89 -4.76 -6.17 -2.54
C VAL A 89 -3.56 -6.60 -3.37
N LYS A 90 -2.60 -7.28 -2.73
CA LYS A 90 -1.36 -7.68 -3.38
C LYS A 90 -1.36 -9.19 -3.47
N HIS A 91 -0.97 -9.73 -4.63
CA HIS A 91 -0.99 -11.18 -4.74
C HIS A 91 0.08 -11.66 -5.71
N TRP A 92 0.78 -12.76 -5.33
CA TRP A 92 1.83 -13.30 -6.17
C TRP A 92 1.30 -13.81 -7.51
N ARG A 93 0.00 -14.12 -7.63
CA ARG A 93 -0.45 -14.61 -8.93
C ARG A 93 -0.40 -13.54 -10.00
N LEU A 94 -0.24 -12.28 -9.64
CA LEU A 94 -0.03 -11.22 -10.63
C LEU A 94 1.45 -10.97 -10.91
N ASN A 95 2.36 -11.78 -10.35
CA ASN A 95 3.79 -11.61 -10.60
C ASN A 95 4.12 -11.75 -12.09
N GLU A 96 5.23 -11.11 -12.47
CA GLU A 96 5.86 -11.29 -13.77
C GLU A 96 6.15 -12.76 -14.03
N ARG A 97 6.22 -13.16 -15.31
CA ARG A 97 6.69 -14.50 -15.65
CA ARG A 97 6.68 -14.49 -15.66
C ARG A 97 8.01 -14.80 -14.98
N HIS A 98 8.11 -16.01 -14.41
CA HIS A 98 9.36 -16.46 -13.81
C HIS A 98 10.37 -16.82 -14.90
N TYR A 99 11.63 -16.36 -14.78
CA TYR A 99 12.59 -16.60 -15.85
CA TYR A 99 12.63 -16.57 -15.82
C TYR A 99 13.57 -17.71 -15.51
N GLY A 100 13.24 -18.54 -14.52
CA GLY A 100 14.07 -19.73 -14.28
C GLY A 100 15.52 -19.38 -14.01
N ALA A 101 16.41 -20.23 -14.53
CA ALA A 101 17.83 -20.07 -14.28
C ALA A 101 18.43 -18.93 -15.08
N LEU A 102 17.63 -18.18 -15.85
CA LEU A 102 18.14 -16.97 -16.47
C LEU A 102 18.12 -15.77 -15.53
N GLN A 103 17.36 -15.84 -14.44
CA GLN A 103 17.21 -14.68 -13.56
C GLN A 103 18.55 -14.21 -13.03
N GLY A 104 18.82 -12.92 -13.19
CA GLY A 104 20.08 -12.35 -12.74
C GLY A 104 21.17 -12.33 -13.78
N LEU A 105 21.00 -13.04 -14.89
CA LEU A 105 22.03 -13.10 -15.92
C LEU A 105 21.88 -11.94 -16.87
N ASN A 106 23.02 -11.50 -17.40
CA ASN A 106 23.07 -10.47 -18.42
C ASN A 106 22.52 -11.02 -19.73
N LYS A 107 21.66 -10.26 -20.39
CA LYS A 107 21.03 -10.83 -21.58
C LYS A 107 22.02 -10.96 -22.71
N THR A 108 22.98 -10.04 -22.80
CA THR A 108 23.93 -10.11 -23.91
C THR A 108 24.89 -11.28 -23.71
N GLN A 109 25.41 -11.43 -22.50
CA GLN A 109 26.29 -12.55 -22.20
C GLN A 109 25.57 -13.88 -22.38
N THR A 110 24.30 -13.94 -21.95
CA THR A 110 23.52 -15.17 -22.11
C THR A 110 23.35 -15.52 -23.58
N ALA A 111 23.13 -14.51 -24.44
CA ALA A 111 23.01 -14.79 -25.87
C ALA A 111 24.36 -15.18 -26.45
N GLU A 112 25.45 -14.58 -25.97
CA GLU A 112 26.76 -14.99 -26.47
C GLU A 112 27.07 -16.42 -26.06
N LYS A 113 26.64 -16.81 -24.86
CA LYS A 113 26.92 -18.14 -24.34
C LYS A 113 26.07 -19.21 -25.02
N HIS A 114 24.75 -19.01 -25.06
CA HIS A 114 23.82 -20.06 -25.49
C HIS A 114 23.28 -19.88 -26.90
N GLY A 115 23.52 -18.73 -27.51
CA GLY A 115 23.08 -18.51 -28.88
C GLY A 115 21.94 -17.50 -28.88
N GLU A 116 21.97 -16.61 -29.88
CA GLU A 116 20.92 -15.59 -29.93
C GLU A 116 19.54 -16.23 -30.13
N GLU A 117 19.46 -17.22 -31.03
CA GLU A 117 18.16 -17.79 -31.35
C GLU A 117 17.59 -18.55 -30.16
N GLN A 118 18.45 -19.27 -29.42
CA GLN A 118 17.96 -19.99 -28.25
C GLN A 118 17.42 -19.04 -27.19
N VAL A 119 18.10 -17.91 -26.95
CA VAL A 119 17.59 -16.94 -25.99
C VAL A 119 16.30 -16.31 -26.51
N LYS A 120 16.23 -16.04 -27.83
CA LYS A 120 15.01 -15.51 -28.41
C LYS A 120 13.82 -16.43 -28.17
N ILE A 121 14.05 -17.74 -28.29
CA ILE A 121 13.00 -18.71 -27.99
C ILE A 121 12.60 -18.61 -26.52
N TRP A 122 13.58 -18.54 -25.61
CA TRP A 122 13.25 -18.42 -24.20
C TRP A 122 12.48 -17.14 -23.89
N ARG A 123 12.77 -16.06 -24.61
CA ARG A 123 12.11 -14.77 -24.35
C ARG A 123 10.70 -14.72 -24.93
N ARG A 124 10.51 -15.27 -26.14
CA ARG A 124 9.34 -14.93 -26.95
C ARG A 124 8.43 -16.10 -27.29
N SER A 125 8.81 -17.34 -27.00
CA SER A 125 7.93 -18.45 -27.32
CA SER A 125 7.97 -18.50 -27.28
C SER A 125 6.73 -18.49 -26.38
N TYR A 126 5.64 -19.08 -26.86
CA TYR A 126 4.48 -19.18 -25.97
C TYR A 126 4.67 -20.27 -24.93
N ASP A 127 5.27 -21.40 -25.30
CA ASP A 127 5.21 -22.59 -24.46
C ASP A 127 6.56 -23.20 -24.10
N ILE A 128 7.68 -22.67 -24.57
CA ILE A 128 8.99 -23.24 -24.24
C ILE A 128 9.58 -22.42 -23.09
N PRO A 129 9.71 -22.99 -21.91
CA PRO A 129 10.22 -22.22 -20.77
C PRO A 129 11.73 -22.12 -20.77
N PRO A 130 12.29 -21.11 -20.11
CA PRO A 130 13.75 -21.07 -19.87
C PRO A 130 14.18 -22.25 -19.00
N PRO A 131 15.48 -22.53 -18.91
CA PRO A 131 15.94 -23.63 -18.06
C PRO A 131 15.49 -23.44 -16.62
N ALA A 132 15.20 -24.55 -15.96
CA ALA A 132 14.62 -24.54 -14.62
C ALA A 132 15.67 -24.38 -13.53
N LEU A 133 15.27 -23.72 -12.45
CA LEU A 133 16.04 -23.76 -11.21
C LEU A 133 15.87 -25.10 -10.51
N GLU A 134 16.89 -25.48 -9.74
CA GLU A 134 16.75 -26.53 -8.76
CA GLU A 134 16.77 -26.52 -8.74
C GLU A 134 16.25 -25.90 -7.45
N VAL A 135 15.60 -26.72 -6.62
CA VAL A 135 15.04 -26.14 -5.40
C VAL A 135 16.11 -25.63 -4.47
N THR A 136 17.34 -26.13 -4.59
CA THR A 136 18.44 -25.70 -3.75
C THR A 136 19.10 -24.42 -4.24
N ASP A 137 18.67 -23.88 -5.38
CA ASP A 137 19.25 -22.66 -5.91
C ASP A 137 18.85 -21.49 -5.00
N GLU A 138 19.79 -20.57 -4.79
CA GLU A 138 19.51 -19.36 -4.04
C GLU A 138 18.29 -18.62 -4.56
N ARG A 139 18.02 -18.75 -5.86
CA ARG A 139 16.98 -17.99 -6.54
C ARG A 139 15.61 -18.66 -6.45
N TYR A 140 15.53 -19.88 -5.91
CA TYR A 140 14.26 -20.59 -5.85
C TYR A 140 13.31 -19.83 -4.95
N PRO A 141 12.10 -19.51 -5.40
CA PRO A 141 11.23 -18.65 -4.58
C PRO A 141 10.80 -19.27 -3.29
N GLY A 142 10.91 -20.60 -3.15
CA GLY A 142 10.52 -21.24 -1.91
C GLY A 142 11.32 -20.77 -0.70
N HIS A 143 12.47 -20.14 -0.92
CA HIS A 143 13.31 -19.65 0.19
C HIS A 143 12.88 -18.29 0.71
N GLU A 144 11.96 -17.60 0.03
CA GLU A 144 11.54 -16.25 0.41
C GLU A 144 10.35 -16.33 1.37
N ARG A 145 10.43 -15.59 2.49
CA ARG A 145 9.29 -15.58 3.40
C ARG A 145 8.02 -15.14 2.69
N LYS A 146 8.14 -14.26 1.69
CA LYS A 146 6.94 -13.76 1.04
C LYS A 146 6.16 -14.88 0.35
N TYR A 147 6.82 -15.97 -0.03
CA TYR A 147 6.16 -17.07 -0.70
C TYR A 147 5.93 -18.26 0.23
N GLN A 148 5.93 -18.03 1.55
CA GLN A 148 5.74 -19.12 2.53
C GLN A 148 4.40 -19.80 2.38
N GLY A 149 3.39 -19.10 1.85
CA GLY A 149 2.08 -19.69 1.73
C GLY A 149 1.89 -20.60 0.53
N LEU A 150 2.87 -20.65 -0.36
CA LEU A 150 2.71 -21.38 -1.62
C LEU A 150 3.03 -22.87 -1.44
N THR A 151 2.22 -23.71 -2.08
CA THR A 151 2.49 -25.14 -2.11
C THR A 151 3.65 -25.42 -3.07
N GLN A 152 4.17 -26.66 -3.01
CA GLN A 152 5.26 -26.99 -3.92
C GLN A 152 4.81 -26.91 -5.39
N GLU A 153 3.56 -27.24 -5.67
CA GLU A 153 3.04 -27.11 -7.03
C GLU A 153 2.96 -25.66 -7.49
N GLU A 154 2.80 -24.72 -6.57
CA GLU A 154 2.64 -23.31 -6.92
C GLU A 154 3.97 -22.60 -7.11
N LEU A 155 5.03 -23.08 -6.46
CA LEU A 155 6.32 -22.40 -6.52
C LEU A 155 6.96 -22.68 -7.87
N PRO A 156 7.20 -21.67 -8.70
CA PRO A 156 7.75 -21.96 -10.03
C PRO A 156 9.26 -22.15 -9.99
N LYS A 157 9.75 -23.10 -10.78
CA LYS A 157 11.19 -23.20 -11.07
CA LYS A 157 11.19 -23.20 -11.07
C LYS A 157 11.55 -22.46 -12.35
N THR A 158 10.56 -22.10 -13.14
CA THR A 158 10.68 -21.46 -14.44
C THR A 158 9.26 -21.35 -14.98
N GLU A 159 9.03 -20.39 -15.87
CA GLU A 159 7.73 -20.28 -16.51
C GLU A 159 7.87 -19.91 -17.98
N SER A 160 7.03 -20.50 -18.81
CA SER A 160 6.71 -19.97 -20.13
C SER A 160 5.54 -19.01 -19.98
N LEU A 161 5.23 -18.26 -21.06
CA LEU A 161 4.02 -17.44 -21.00
C LEU A 161 2.80 -18.31 -20.75
N LYS A 162 2.74 -19.50 -21.37
CA LYS A 162 1.65 -20.44 -21.12
C LYS A 162 1.48 -20.69 -19.62
N LEU A 163 2.56 -21.00 -18.92
CA LEU A 163 2.43 -21.28 -17.49
C LEU A 163 2.06 -20.03 -16.70
N THR A 164 2.50 -18.86 -17.15
CA THR A 164 2.09 -17.62 -16.50
C THR A 164 0.58 -17.44 -16.62
N VAL A 165 0.03 -17.69 -17.81
CA VAL A 165 -1.41 -17.61 -18.01
C VAL A 165 -2.13 -18.56 -17.05
N ASP A 166 -1.62 -19.79 -16.93
CA ASP A 166 -2.27 -20.79 -16.06
C ASP A 166 -2.29 -20.33 -14.61
N ARG A 167 -1.30 -19.53 -14.22
CA ARG A 167 -1.20 -19.00 -12.86
C ARG A 167 -2.06 -17.76 -12.64
N VAL A 168 -2.13 -16.88 -13.64
CA VAL A 168 -2.85 -15.60 -13.50
C VAL A 168 -4.35 -15.84 -13.53
N LEU A 169 -4.81 -16.65 -14.48
CA LEU A 169 -6.24 -16.69 -14.75
C LEU A 169 -7.08 -17.16 -13.57
N PRO A 170 -6.63 -18.10 -12.73
CA PRO A 170 -7.44 -18.43 -11.53
C PRO A 170 -7.67 -17.23 -10.63
N TYR A 171 -6.68 -16.33 -10.54
CA TYR A 171 -6.84 -15.15 -9.70
C TYR A 171 -7.86 -14.17 -10.28
N TRP A 172 -7.83 -13.97 -11.61
CA TRP A 172 -8.90 -13.20 -12.27
C TRP A 172 -10.25 -13.81 -11.99
N ASN A 173 -10.38 -15.13 -12.19
CA ASN A 173 -11.70 -15.75 -12.13
C ASN A 173 -12.26 -15.76 -10.71
N ASP A 174 -11.41 -16.05 -9.72
CA ASP A 174 -11.88 -16.29 -8.36
C ASP A 174 -11.93 -15.02 -7.52
N VAL A 175 -11.10 -14.04 -7.83
CA VAL A 175 -10.94 -12.86 -6.97
C VAL A 175 -11.22 -11.55 -7.70
N ILE A 176 -10.51 -11.28 -8.81
CA ILE A 176 -10.63 -9.95 -9.41
C ILE A 176 -11.97 -9.77 -10.10
N ALA A 177 -12.36 -10.73 -10.94
CA ALA A 177 -13.62 -10.59 -11.68
C ALA A 177 -14.82 -10.41 -10.76
N PRO A 178 -14.98 -11.18 -9.65
CA PRO A 178 -16.12 -10.90 -8.76
C PRO A 178 -16.12 -9.48 -8.23
N SER A 179 -14.95 -8.92 -7.91
CA SER A 179 -14.88 -7.51 -7.48
CA SER A 179 -14.94 -7.52 -7.46
C SER A 179 -15.37 -6.58 -8.57
N VAL A 180 -14.97 -6.86 -9.82
CA VAL A 180 -15.42 -6.01 -10.93
C VAL A 180 -16.94 -6.10 -11.08
N LYS A 181 -17.50 -7.31 -11.00
CA LYS A 181 -18.94 -7.47 -11.12
C LYS A 181 -19.69 -6.81 -9.97
N GLU A 182 -19.06 -6.67 -8.81
CA GLU A 182 -19.68 -5.94 -7.69
C GLU A 182 -19.81 -4.44 -7.96
N GLY A 183 -19.24 -3.93 -9.04
CA GLY A 183 -19.26 -2.52 -9.33
C GLY A 183 -18.06 -1.76 -8.81
N LYS A 184 -17.08 -2.44 -8.23
CA LYS A 184 -15.90 -1.74 -7.77
CA LYS A 184 -15.89 -1.75 -7.76
C LYS A 184 -15.02 -1.37 -8.95
N ARG A 185 -14.67 -0.10 -9.06
CA ARG A 185 -13.82 0.34 -10.16
C ARG A 185 -12.38 -0.06 -9.85
N VAL A 186 -11.84 -1.01 -10.62
CA VAL A 186 -10.59 -1.67 -10.28
C VAL A 186 -9.44 -1.10 -11.11
N LEU A 187 -8.31 -0.90 -10.45
CA LEU A 187 -7.03 -0.61 -11.07
C LEU A 187 -6.09 -1.76 -10.75
N ILE A 188 -5.41 -2.29 -11.77
CA ILE A 188 -4.42 -3.35 -11.59
C ILE A 188 -3.08 -2.81 -12.06
N ALA A 189 -2.08 -2.81 -11.17
CA ALA A 189 -0.71 -2.43 -11.53
C ALA A 189 0.13 -3.71 -11.52
N ALA A 190 0.62 -4.12 -12.69
CA ALA A 190 1.34 -5.38 -12.72
C ALA A 190 2.40 -5.36 -13.83
N HIS A 191 2.60 -6.47 -14.52
CA HIS A 191 3.81 -6.69 -15.32
C HIS A 191 3.43 -7.07 -16.75
N GLY A 192 4.41 -7.00 -17.65
CA GLY A 192 4.13 -7.34 -19.04
C GLY A 192 3.46 -8.68 -19.24
N ASN A 193 4.04 -9.77 -18.71
CA ASN A 193 3.46 -11.08 -19.03
C ASN A 193 2.21 -11.37 -18.22
N SER A 194 2.07 -10.82 -17.01
CA SER A 194 0.82 -11.10 -16.32
C SER A 194 -0.33 -10.28 -16.88
N LEU A 195 -0.06 -9.06 -17.35
CA LEU A 195 -1.10 -8.32 -18.06
C LEU A 195 -1.40 -8.94 -19.41
N ARG A 196 -0.38 -9.46 -20.10
CA ARG A 196 -0.67 -10.19 -21.34
C ARG A 196 -1.60 -11.36 -21.09
N ALA A 197 -1.37 -12.08 -19.99
CA ALA A 197 -2.23 -13.21 -19.67
C ALA A 197 -3.67 -12.73 -19.50
N LEU A 198 -3.87 -11.63 -18.78
CA LEU A 198 -5.21 -11.12 -18.58
CA LEU A 198 -5.21 -11.12 -18.58
C LEU A 198 -5.88 -10.77 -19.91
N VAL A 199 -5.19 -10.01 -20.76
CA VAL A 199 -5.86 -9.59 -21.99
CA VAL A 199 -5.76 -9.57 -22.04
C VAL A 199 -6.00 -10.76 -22.97
N LYS A 200 -5.12 -11.74 -22.92
CA LYS A 200 -5.32 -12.94 -23.73
C LYS A 200 -6.65 -13.61 -23.39
N TYR A 201 -6.97 -13.69 -22.10
CA TYR A 201 -8.25 -14.25 -21.71
C TYR A 201 -9.41 -13.34 -22.11
N LEU A 202 -9.31 -12.04 -21.78
CA LEU A 202 -10.45 -11.15 -22.01
C LEU A 202 -10.82 -11.07 -23.49
N ASP A 203 -9.81 -10.95 -24.35
CA ASP A 203 -10.03 -10.75 -25.77
C ASP A 203 -9.90 -12.05 -26.56
N ASN A 204 -9.76 -13.18 -25.89
CA ASN A 204 -9.69 -14.49 -26.53
C ASN A 204 -8.61 -14.51 -27.62
N ILE A 205 -7.42 -14.06 -27.24
CA ILE A 205 -6.33 -13.86 -28.20
C ILE A 205 -5.63 -15.18 -28.46
N SER A 206 -5.32 -15.44 -29.73
CA SER A 206 -4.65 -16.69 -30.06
C SER A 206 -3.22 -16.69 -29.53
N GLU A 207 -2.68 -17.90 -29.37
CA GLU A 207 -1.27 -18.02 -28.99
C GLU A 207 -0.38 -17.30 -29.99
N GLU A 208 -0.74 -17.36 -31.28
CA GLU A 208 0.09 -16.73 -32.30
C GLU A 208 0.10 -15.20 -32.15
N GLU A 209 -1.04 -14.61 -31.79
CA GLU A 209 -1.08 -13.16 -31.67
CA GLU A 209 -1.12 -13.15 -31.65
C GLU A 209 -0.56 -12.66 -30.32
N ILE A 210 -0.78 -13.42 -29.24
CA ILE A 210 -0.41 -12.90 -27.93
C ILE A 210 1.11 -12.73 -27.80
N VAL A 211 1.90 -13.60 -28.44
CA VAL A 211 3.35 -13.46 -28.36
C VAL A 211 3.84 -12.24 -29.11
N GLU A 212 3.01 -11.66 -29.98
CA GLU A 212 3.35 -10.43 -30.67
C GLU A 212 2.86 -9.17 -29.96
N LEU A 213 2.05 -9.31 -28.91
CA LEU A 213 1.46 -8.15 -28.26
C LEU A 213 2.46 -7.49 -27.32
N ASN A 214 2.68 -6.20 -27.50
CA ASN A 214 3.59 -5.41 -26.66
CA ASN A 214 3.59 -5.41 -26.66
C ASN A 214 2.78 -4.35 -25.94
N ILE A 215 2.58 -4.55 -24.63
CA ILE A 215 1.84 -3.59 -23.82
C ILE A 215 2.79 -2.48 -23.43
N PRO A 216 2.52 -1.22 -23.78
CA PRO A 216 3.46 -0.14 -23.46
C PRO A 216 3.51 0.09 -21.96
N THR A 217 4.66 0.54 -21.48
CA THR A 217 4.84 0.80 -20.06
C THR A 217 4.33 2.21 -19.72
N GLY A 218 3.82 2.36 -18.50
CA GLY A 218 3.44 3.65 -18.00
C GLY A 218 2.22 4.25 -18.66
N VAL A 219 1.41 3.45 -19.34
CA VAL A 219 0.28 3.91 -20.12
C VAL A 219 -0.97 3.20 -19.63
N PRO A 220 -1.96 3.90 -19.07
CA PRO A 220 -3.19 3.23 -18.65
C PRO A 220 -3.87 2.58 -19.83
N LEU A 221 -4.23 1.32 -19.66
CA LEU A 221 -4.98 0.54 -20.64
C LEU A 221 -6.36 0.28 -20.07
N VAL A 222 -7.39 0.76 -20.74
CA VAL A 222 -8.75 0.74 -20.21
C VAL A 222 -9.54 -0.31 -20.98
N TYR A 223 -10.19 -1.23 -20.27
CA TYR A 223 -11.15 -2.16 -20.85
C TYR A 223 -12.55 -1.79 -20.41
N GLU A 224 -13.47 -1.67 -21.36
CA GLU A 224 -14.88 -1.54 -21.03
C GLU A 224 -15.49 -2.92 -21.18
N LEU A 225 -16.10 -3.42 -20.11
CA LEU A 225 -16.62 -4.78 -20.07
C LEU A 225 -18.13 -4.75 -19.93
N ASP A 226 -18.82 -5.67 -20.61
CA ASP A 226 -20.28 -5.73 -20.50
C ASP A 226 -20.69 -6.48 -19.24
N GLU A 227 -21.99 -6.75 -19.12
CA GLU A 227 -22.53 -7.35 -17.90
CA GLU A 227 -22.54 -7.36 -17.91
C GLU A 227 -21.97 -8.74 -17.65
N ASN A 228 -21.45 -9.42 -18.67
CA ASN A 228 -20.83 -10.74 -18.52
C ASN A 228 -19.32 -10.66 -18.46
N LEU A 229 -18.77 -9.45 -18.25
CA LEU A 229 -17.35 -9.14 -18.29
C LEU A 229 -16.71 -9.44 -19.64
N LYS A 230 -17.53 -9.54 -20.70
CA LYS A 230 -16.97 -9.65 -22.04
C LYS A 230 -16.58 -8.26 -22.53
N PRO A 231 -15.40 -8.10 -23.13
CA PRO A 231 -14.98 -6.77 -23.58
C PRO A 231 -15.92 -6.20 -24.63
N ILE A 232 -16.22 -4.92 -24.48
CA ILE A 232 -16.89 -4.13 -25.51
C ILE A 232 -15.88 -3.38 -26.37
N LYS A 233 -14.88 -2.78 -25.74
CA LYS A 233 -13.84 -2.02 -26.41
C LYS A 233 -12.71 -1.82 -25.42
N HIS A 234 -11.53 -1.46 -25.93
CA HIS A 234 -10.45 -1.09 -25.04
C HIS A 234 -9.62 -0.01 -25.71
N TYR A 235 -8.86 0.73 -24.90
CA TYR A 235 -8.09 1.85 -25.44
C TYR A 235 -7.04 2.26 -24.42
N TYR A 236 -5.99 2.89 -24.92
CA TYR A 236 -4.92 3.44 -24.09
C TYR A 236 -5.20 4.91 -23.84
N LEU A 237 -4.89 5.39 -22.64
CA LEU A 237 -5.03 6.80 -22.31
C LEU A 237 -3.73 7.57 -22.55
N GLY A 238 -3.84 8.73 -23.20
CA GLY A 238 -2.69 9.60 -23.38
C GLY A 238 -2.57 10.08 -24.82
N ASP A 239 -1.39 10.60 -25.13
CA ASP A 239 -1.06 11.04 -26.49
C ASP A 239 -0.92 9.82 -27.37
N GLN A 240 -1.85 9.65 -28.34
CA GLN A 240 -1.88 8.40 -29.10
C GLN A 240 -0.63 8.23 -29.95
N GLU A 241 -0.04 9.34 -30.41
CA GLU A 241 1.19 9.26 -31.19
C GLU A 241 2.33 8.73 -30.34
N LEU A 242 2.46 9.23 -29.10
CA LEU A 242 3.50 8.75 -28.21
C LEU A 242 3.23 7.32 -27.76
N ILE A 243 1.97 6.97 -27.53
CA ILE A 243 1.64 5.59 -27.17
C ILE A 243 2.04 4.64 -28.28
N GLN A 244 1.76 5.01 -29.53
CA GLN A 244 2.11 4.13 -30.65
C GLN A 244 3.62 3.92 -30.74
N GLN A 245 4.40 4.98 -30.44
CA GLN A 245 5.85 4.80 -30.42
C GLN A 245 6.27 3.84 -29.31
N LYS A 246 5.65 3.96 -28.13
CA LYS A 246 5.95 3.02 -27.05
C LYS A 246 5.62 1.58 -27.44
N ILE A 247 4.52 1.40 -28.17
CA ILE A 247 4.14 0.05 -28.61
C ILE A 247 5.16 -0.50 -29.60
N ASN A 248 5.51 0.28 -30.63
CA ASN A 248 6.29 -0.27 -31.74
C ASN A 248 7.78 -0.41 -31.45
N SER A 249 8.25 -0.08 -30.24
CA SER A 249 9.67 -0.22 -29.91
C SER A 249 9.90 -1.59 -29.28
N VAL A 250 10.41 -2.53 -30.09
CA VAL A 250 10.48 -3.94 -29.73
C VAL A 250 9.11 -4.45 -29.31
N HIS B 5 -5.38 -23.41 34.81
CA HIS B 5 -4.22 -22.87 34.11
C HIS B 5 -4.39 -23.02 32.61
N HIS B 6 -3.76 -22.12 31.85
CA HIS B 6 -3.86 -22.08 30.40
C HIS B 6 -2.48 -21.92 29.79
N HIS B 7 -2.41 -22.17 28.48
CA HIS B 7 -1.17 -22.07 27.73
C HIS B 7 -0.77 -20.60 27.57
N HIS B 8 0.49 -20.29 27.88
CA HIS B 8 0.99 -18.93 27.76
C HIS B 8 1.27 -18.57 26.30
N MET B 9 0.88 -17.36 25.90
CA MET B 9 1.24 -16.78 24.62
C MET B 9 1.91 -15.43 24.84
N VAL B 10 2.82 -15.05 23.94
CA VAL B 10 3.35 -13.69 23.90
C VAL B 10 3.14 -13.18 22.48
N TYR B 11 2.27 -12.19 22.33
CA TYR B 11 2.10 -11.50 21.06
C TYR B 11 2.85 -10.16 21.12
N LYS B 12 3.41 -9.74 20.00
CA LYS B 12 4.05 -8.42 19.95
C LYS B 12 3.31 -7.53 18.97
N LEU B 13 2.86 -6.37 19.45
CA LEU B 13 2.18 -5.34 18.66
C LEU B 13 3.09 -4.13 18.55
N VAL B 14 3.29 -3.61 17.33
CA VAL B 14 4.18 -2.45 17.14
C VAL B 14 3.37 -1.27 16.63
N LEU B 15 3.58 -0.11 17.26
CA LEU B 15 2.90 1.14 16.93
C LEU B 15 3.92 2.16 16.47
N ILE B 16 3.60 2.91 15.40
CA ILE B 16 4.44 4.02 14.98
C ILE B 16 3.57 5.25 14.82
N ARG B 17 3.90 6.33 15.55
CA ARG B 17 3.33 7.65 15.30
C ARG B 17 4.09 8.32 14.14
N HIS B 18 3.35 8.88 13.19
CA HIS B 18 4.05 9.48 12.04
C HIS B 18 4.84 10.69 12.50
N GLY B 19 5.86 11.04 11.70
CA GLY B 19 6.69 12.19 11.97
C GLY B 19 6.07 13.51 11.52
N GLU B 20 6.90 14.55 11.57
CA GLU B 20 6.44 15.91 11.31
C GLU B 20 5.70 16.01 9.99
N SER B 21 4.54 16.65 10.01
CA SER B 21 3.76 16.92 8.80
C SER B 21 4.09 18.31 8.29
N GLU B 22 3.65 18.59 7.06
CA GLU B 22 3.82 19.94 6.53
C GLU B 22 3.08 20.96 7.38
N TRP B 23 1.87 20.62 7.83
CA TRP B 23 1.14 21.58 8.65
C TRP B 23 1.71 21.71 10.05
N ASN B 24 2.28 20.64 10.62
CA ASN B 24 3.08 20.77 11.83
C ASN B 24 4.10 21.90 11.67
N LYS B 25 4.88 21.82 10.60
CA LYS B 25 5.91 22.82 10.33
C LYS B 25 5.31 24.22 10.29
N GLU B 26 4.11 24.34 9.73
CA GLU B 26 3.43 25.63 9.59
C GLU B 26 2.63 26.02 10.83
N ASN B 27 2.70 25.23 11.92
CA ASN B 27 1.99 25.53 13.17
C ASN B 27 0.49 25.67 12.97
N LYS B 28 -0.09 24.76 12.19
CA LYS B 28 -1.52 24.72 11.95
C LYS B 28 -2.14 23.49 12.61
N PHE B 29 -3.33 23.67 13.19
CA PHE B 29 -4.14 22.54 13.60
C PHE B 29 -4.49 21.71 12.37
N THR B 30 -4.32 20.39 12.46
CA THR B 30 -4.53 19.53 11.31
C THR B 30 -5.77 18.65 11.44
N GLY B 31 -5.80 17.76 12.44
CA GLY B 31 -6.95 16.89 12.57
C GLY B 31 -7.14 16.04 11.31
N TRP B 32 -8.36 16.03 10.77
CA TRP B 32 -8.61 15.22 9.56
C TRP B 32 -8.17 15.91 8.28
N TYR B 33 -7.62 17.13 8.33
CA TYR B 33 -7.09 17.68 7.09
C TYR B 33 -5.96 16.80 6.59
N ASP B 34 -5.96 16.50 5.30
CA ASP B 34 -5.12 15.41 4.79
C ASP B 34 -3.80 15.95 4.22
N CYS B 35 -2.96 16.51 5.10
CA CYS B 35 -1.70 17.07 4.61
C CYS B 35 -0.62 15.99 4.54
N GLY B 36 0.44 16.30 3.78
CA GLY B 36 1.55 15.38 3.64
C GLY B 36 2.58 15.52 4.75
N LEU B 37 3.59 14.63 4.69
CA LEU B 37 4.73 14.71 5.59
C LEU B 37 5.72 15.79 5.15
N SER B 38 6.43 16.36 6.12
CA SER B 38 7.58 17.19 5.80
C SER B 38 8.79 16.32 5.47
N GLU B 39 9.87 16.98 5.04
CA GLU B 39 11.11 16.25 4.77
C GLU B 39 11.58 15.51 6.03
N THR B 40 11.43 16.15 7.19
CA THR B 40 11.78 15.49 8.45
C THR B 40 10.87 14.31 8.72
N GLY B 41 9.55 14.45 8.49
CA GLY B 41 8.65 13.32 8.66
C GLY B 41 8.99 12.15 7.74
N LEU B 42 9.40 12.45 6.51
CA LEU B 42 9.80 11.39 5.60
C LEU B 42 11.01 10.64 6.13
N LYS B 43 11.98 11.39 6.66
CA LYS B 43 13.19 10.79 7.21
C LYS B 43 12.87 9.92 8.43
N GLU B 44 11.97 10.39 9.29
CA GLU B 44 11.62 9.63 10.49
C GLU B 44 11.02 8.27 10.14
N ALA B 45 10.24 8.20 9.06
CA ALA B 45 9.62 6.93 8.70
C ALA B 45 10.67 5.92 8.27
N LYS B 46 11.66 6.37 7.51
CA LYS B 46 12.79 5.52 7.16
C LYS B 46 13.55 5.07 8.40
N GLU B 47 13.81 5.99 9.34
CA GLU B 47 14.53 5.64 10.56
C GLU B 47 13.79 4.58 11.35
N ALA B 48 12.46 4.70 11.46
CA ALA B 48 11.68 3.70 12.18
C ALA B 48 11.82 2.33 11.52
N GLY B 49 11.76 2.29 10.19
CA GLY B 49 11.99 1.02 9.50
C GLY B 49 13.36 0.45 9.80
N GLU B 50 14.39 1.30 9.84
CA GLU B 50 15.75 0.80 10.07
C GLU B 50 15.90 0.20 11.46
N ILE B 51 15.29 0.82 12.48
CA ILE B 51 15.37 0.31 13.84
C ILE B 51 14.65 -1.02 13.95
N LEU B 52 13.48 -1.14 13.33
CA LEU B 52 12.77 -2.41 13.34
C LEU B 52 13.60 -3.52 12.70
N LEU B 53 14.27 -3.23 11.59
CA LEU B 53 15.18 -4.22 11.02
C LEU B 53 16.31 -4.58 11.98
N LYS B 54 16.97 -3.56 12.54
CA LYS B 54 18.09 -3.77 13.44
C LYS B 54 17.69 -4.63 14.63
N GLU B 55 16.48 -4.44 15.14
CA GLU B 55 16.02 -5.11 16.35
C GLU B 55 15.30 -6.42 16.06
N GLY B 56 15.20 -6.81 14.80
CA GLY B 56 14.77 -8.15 14.46
C GLY B 56 13.29 -8.34 14.30
N TYR B 57 12.55 -7.26 14.02
CA TYR B 57 11.10 -7.29 13.92
C TYR B 57 10.66 -7.59 12.49
N GLU B 58 9.78 -8.58 12.36
CA GLU B 58 9.13 -8.89 11.09
C GLU B 58 7.63 -8.88 11.32
N PHE B 59 6.89 -8.60 10.24
CA PHE B 59 5.45 -8.35 10.35
C PHE B 59 4.69 -9.23 9.37
N ASP B 60 3.41 -9.43 9.68
CA ASP B 60 2.49 -10.17 8.82
C ASP B 60 1.33 -9.32 8.29
N LEU B 61 0.98 -8.22 8.97
CA LEU B 61 -0.22 -7.45 8.63
C LEU B 61 -0.03 -6.03 9.14
N CYS B 62 -0.43 -5.04 8.35
CA CYS B 62 -0.29 -3.65 8.74
C CYS B 62 -1.63 -2.94 8.69
N TYR B 63 -1.84 -2.03 9.65
CA TYR B 63 -3.00 -1.14 9.65
C TYR B 63 -2.53 0.31 9.63
N THR B 64 -3.31 1.14 8.95
CA THR B 64 -3.07 2.58 9.01
C THR B 64 -4.40 3.29 8.81
N SER B 65 -4.36 4.64 8.79
CA SER B 65 -5.58 5.44 8.73
C SER B 65 -5.90 5.75 7.26
N PHE B 66 -6.83 6.69 7.04
CA PHE B 66 -7.09 7.24 5.72
C PHE B 66 -6.27 8.48 5.41
N LEU B 67 -5.43 8.91 6.34
CA LEU B 67 -4.69 10.16 6.20
C LEU B 67 -3.32 9.87 5.63
N LYS B 68 -2.93 10.62 4.59
CA LYS B 68 -1.74 10.24 3.83
C LYS B 68 -0.45 10.41 4.63
N ARG B 69 -0.42 11.29 5.63
CA ARG B 69 0.80 11.38 6.44
C ARG B 69 1.07 10.07 7.18
N ALA B 70 0.02 9.33 7.56
CA ALA B 70 0.24 8.04 8.20
C ALA B 70 0.47 6.95 7.16
N ILE B 71 -0.31 6.96 6.08
CA ILE B 71 -0.13 5.95 5.04
C ILE B 71 1.27 6.03 4.46
N LYS B 72 1.74 7.24 4.16
CA LYS B 72 3.08 7.42 3.62
CA LYS B 72 3.08 7.42 3.62
C LYS B 72 4.14 6.93 4.60
N THR B 73 3.92 7.17 5.89
CA THR B 73 4.85 6.66 6.90
C THR B 73 4.94 5.13 6.81
N LEU B 74 3.80 4.47 6.71
CA LEU B 74 3.79 3.02 6.58
C LEU B 74 4.50 2.57 5.30
N TRP B 75 4.16 3.21 4.17
CA TRP B 75 4.77 2.79 2.90
C TRP B 75 6.29 2.97 2.91
N ILE B 76 6.79 4.09 3.46
CA ILE B 76 8.23 4.28 3.56
CA ILE B 76 8.23 4.28 3.55
C ILE B 76 8.83 3.23 4.47
N ALA B 77 8.19 2.96 5.61
CA ALA B 77 8.71 1.94 6.52
C ALA B 77 8.76 0.58 5.83
N LEU B 78 7.69 0.21 5.12
CA LEU B 78 7.69 -1.08 4.45
C LEU B 78 8.74 -1.14 3.34
N GLU B 79 8.91 -0.06 2.58
CA GLU B 79 9.97 -0.06 1.57
C GLU B 79 11.34 -0.25 2.22
N THR B 80 11.59 0.49 3.31
CA THR B 80 12.87 0.39 4.01
C THR B 80 13.10 -1.02 4.52
N MET B 81 12.03 -1.69 4.96
CA MET B 81 12.15 -3.04 5.51
C MET B 81 12.07 -4.14 4.46
N ASP B 82 11.96 -3.78 3.18
CA ASP B 82 11.74 -4.72 2.08
C ASP B 82 10.57 -5.66 2.38
N ALA B 83 9.44 -5.05 2.78
CA ALA B 83 8.23 -5.76 3.15
C ALA B 83 7.01 -5.17 2.45
N MET B 84 7.22 -4.65 1.24
CA MET B 84 6.16 -3.97 0.50
C MET B 84 5.02 -4.89 0.08
N TYR B 85 5.26 -6.21 0.03
CA TYR B 85 4.23 -7.16 -0.35
C TYR B 85 3.23 -7.43 0.77
N LEU B 86 3.49 -6.97 2.00
CA LEU B 86 2.61 -7.34 3.10
C LEU B 86 1.21 -6.76 2.91
N PRO B 87 0.19 -7.45 3.43
CA PRO B 87 -1.17 -6.92 3.41
C PRO B 87 -1.28 -5.67 4.26
N VAL B 88 -1.97 -4.67 3.73
CA VAL B 88 -2.17 -3.40 4.40
C VAL B 88 -3.67 -3.15 4.45
N VAL B 89 -4.16 -2.74 5.62
CA VAL B 89 -5.56 -2.39 5.80
C VAL B 89 -5.61 -0.94 6.25
N LYS B 90 -6.38 -0.11 5.54
CA LYS B 90 -6.48 1.30 5.88
C LYS B 90 -7.89 1.57 6.36
N HIS B 91 -8.03 2.39 7.43
CA HIS B 91 -9.40 2.60 7.91
C HIS B 91 -9.48 3.95 8.59
N TRP B 92 -10.58 4.66 8.33
CA TRP B 92 -10.77 5.99 8.89
C TRP B 92 -10.89 5.95 10.42
N ARG B 93 -11.21 4.81 11.02
CA ARG B 93 -11.32 4.84 12.47
C ARG B 93 -9.97 5.04 13.15
N LEU B 94 -8.86 4.87 12.43
CA LEU B 94 -7.54 5.19 12.97
C LEU B 94 -7.11 6.62 12.70
N ASN B 95 -7.98 7.44 12.12
CA ASN B 95 -7.66 8.84 11.86
C ASN B 95 -7.30 9.59 13.16
N GLU B 96 -6.48 10.62 12.99
CA GLU B 96 -6.21 11.59 14.05
C GLU B 96 -7.52 12.15 14.60
N ARG B 97 -7.48 12.61 15.85
CA ARG B 97 -8.59 13.37 16.41
CA ARG B 97 -8.59 13.37 16.41
C ARG B 97 -8.97 14.52 15.48
N HIS B 98 -10.28 14.68 15.28
CA HIS B 98 -10.79 15.77 14.47
C HIS B 98 -10.75 17.08 15.28
N TYR B 99 -10.23 18.15 14.67
CA TYR B 99 -10.10 19.40 15.41
CA TYR B 99 -10.07 19.42 15.36
C TYR B 99 -11.14 20.45 15.00
N GLY B 100 -12.23 20.00 14.37
CA GLY B 100 -13.36 20.91 14.14
C GLY B 100 -12.97 22.12 13.33
N ALA B 101 -13.57 23.26 13.72
CA ALA B 101 -13.38 24.53 13.02
C ALA B 101 -11.98 25.11 13.23
N LEU B 102 -11.14 24.50 14.06
CA LEU B 102 -9.75 24.93 14.15
C LEU B 102 -8.90 24.38 13.01
N GLN B 103 -9.36 23.36 12.29
CA GLN B 103 -8.52 22.76 11.26
C GLN B 103 -8.12 23.79 10.21
N GLY B 104 -6.81 23.88 9.94
CA GLY B 104 -6.29 24.83 9.01
C GLY B 104 -5.94 26.16 9.60
N LEU B 105 -6.44 26.46 10.79
CA LEU B 105 -6.11 27.71 11.44
C LEU B 105 -4.75 27.57 12.10
N ASN B 106 -4.04 28.68 12.11
CA ASN B 106 -2.74 28.75 12.71
C ASN B 106 -2.93 28.83 14.23
N LYS B 107 -2.04 28.18 14.97
CA LYS B 107 -2.21 28.13 16.43
C LYS B 107 -2.18 29.53 17.05
N THR B 108 -1.33 30.42 16.52
CA THR B 108 -1.28 31.79 17.02
C THR B 108 -2.54 32.57 16.67
N GLN B 109 -3.08 32.36 15.46
CA GLN B 109 -4.37 32.95 15.09
C GLN B 109 -5.46 32.51 16.06
N THR B 110 -5.47 31.24 16.42
CA THR B 110 -6.52 30.71 17.27
C THR B 110 -6.47 31.32 18.67
N ALA B 111 -5.26 31.55 19.19
CA ALA B 111 -5.13 32.27 20.45
C ALA B 111 -5.73 33.66 20.34
N GLU B 112 -5.61 34.30 19.18
CA GLU B 112 -6.26 35.60 18.97
C GLU B 112 -7.78 35.46 18.98
N LYS B 113 -8.32 34.52 18.19
CA LYS B 113 -9.77 34.38 18.08
C LYS B 113 -10.39 34.05 19.43
N HIS B 114 -9.75 33.19 20.23
CA HIS B 114 -10.41 32.58 21.39
C HIS B 114 -9.72 32.81 22.73
N GLY B 115 -8.48 33.28 22.76
CA GLY B 115 -7.78 33.42 24.02
C GLY B 115 -6.91 32.23 24.35
N GLU B 116 -5.74 32.48 24.95
CA GLU B 116 -4.78 31.41 25.22
C GLU B 116 -5.40 30.31 26.06
N GLU B 117 -6.18 30.69 27.06
CA GLU B 117 -6.70 29.73 28.02
C GLU B 117 -7.70 28.77 27.38
N GLN B 118 -8.65 29.31 26.60
CA GLN B 118 -9.62 28.44 26.00
C GLN B 118 -8.97 27.48 25.03
N VAL B 119 -7.91 27.93 24.34
CA VAL B 119 -7.20 27.07 23.41
C VAL B 119 -6.52 25.92 24.14
N LYS B 120 -5.95 26.20 25.31
CA LYS B 120 -5.30 25.14 26.08
C LYS B 120 -6.33 24.12 26.59
N ILE B 121 -7.52 24.61 26.95
CA ILE B 121 -8.58 23.68 27.35
C ILE B 121 -8.92 22.73 26.22
N TRP B 122 -9.06 23.25 25.00
CA TRP B 122 -9.35 22.36 23.87
C TRP B 122 -8.19 21.44 23.55
N ARG B 123 -6.96 21.90 23.78
CA ARG B 123 -5.78 21.08 23.47
C ARG B 123 -5.58 19.97 24.48
N ARG B 124 -5.78 20.26 25.77
CA ARG B 124 -5.34 19.37 26.84
C ARG B 124 -6.49 18.68 27.58
N SER B 125 -7.75 18.99 27.29
CA SER B 125 -8.84 18.35 28.00
C SER B 125 -9.05 16.92 27.50
N TYR B 126 -9.78 16.14 28.30
CA TYR B 126 -10.16 14.82 27.82
C TYR B 126 -11.45 14.86 26.99
N ASP B 127 -12.46 15.62 27.41
CA ASP B 127 -13.74 15.58 26.72
C ASP B 127 -14.36 16.97 26.61
N ILE B 128 -13.57 17.94 26.13
CA ILE B 128 -14.12 19.25 25.76
C ILE B 128 -13.70 19.51 24.32
N PRO B 129 -14.58 19.24 23.35
CA PRO B 129 -14.17 19.33 21.95
C PRO B 129 -14.04 20.78 21.49
N PRO B 130 -13.22 21.04 20.48
CA PRO B 130 -13.10 22.40 19.92
C PRO B 130 -14.35 22.78 19.13
N PRO B 131 -14.45 24.03 18.67
CA PRO B 131 -15.64 24.45 17.94
C PRO B 131 -15.92 23.54 16.75
N ALA B 132 -17.21 23.34 16.48
CA ALA B 132 -17.63 22.36 15.48
C ALA B 132 -17.77 23.00 14.11
N LEU B 133 -17.52 22.18 13.09
CA LEU B 133 -17.83 22.53 11.71
C LEU B 133 -19.32 22.47 11.44
N GLU B 134 -19.80 23.39 10.60
CA GLU B 134 -21.09 23.26 9.94
C GLU B 134 -20.99 22.33 8.74
N VAL B 135 -22.11 21.69 8.39
CA VAL B 135 -22.07 20.76 7.26
C VAL B 135 -21.85 21.49 5.95
N THR B 136 -22.14 22.79 5.90
CA THR B 136 -21.90 23.64 4.75
C THR B 136 -20.45 24.12 4.64
N ASP B 137 -19.61 23.85 5.64
CA ASP B 137 -18.21 24.23 5.61
C ASP B 137 -17.46 23.25 4.72
N GLU B 138 -16.63 23.76 3.80
CA GLU B 138 -15.89 22.90 2.88
C GLU B 138 -15.05 21.87 3.62
N ARG B 139 -14.68 22.14 4.87
CA ARG B 139 -13.86 21.22 5.65
C ARG B 139 -14.65 20.04 6.19
N TYR B 140 -15.99 20.11 6.17
CA TYR B 140 -16.80 19.01 6.68
C TYR B 140 -16.47 17.73 5.91
N PRO B 141 -16.16 16.63 6.60
CA PRO B 141 -15.66 15.44 5.87
C PRO B 141 -16.71 14.78 4.98
N GLY B 142 -17.99 15.12 5.15
CA GLY B 142 -18.98 14.60 4.23
C GLY B 142 -18.73 14.99 2.79
N HIS B 143 -17.97 16.05 2.54
CA HIS B 143 -17.66 16.49 1.18
C HIS B 143 -16.62 15.63 0.46
N GLU B 144 -15.93 14.73 1.18
CA GLU B 144 -14.81 13.99 0.63
C GLU B 144 -15.27 12.63 0.12
N ARG B 145 -14.85 12.26 -1.11
CA ARG B 145 -15.23 10.95 -1.62
C ARG B 145 -14.78 9.84 -0.68
N LYS B 146 -13.61 9.99 -0.03
CA LYS B 146 -13.10 8.94 0.83
C LYS B 146 -14.04 8.59 1.97
N TYR B 147 -14.94 9.49 2.37
CA TYR B 147 -15.81 9.27 3.52
C TYR B 147 -17.26 8.98 3.12
N GLN B 148 -17.51 8.67 1.86
CA GLN B 148 -18.90 8.47 1.46
C GLN B 148 -19.53 7.24 2.10
N GLY B 149 -18.72 6.29 2.58
CA GLY B 149 -19.27 5.16 3.31
C GLY B 149 -19.71 5.46 4.74
N LEU B 150 -19.40 6.64 5.28
CA LEU B 150 -19.76 6.93 6.66
C LEU B 150 -21.20 7.40 6.79
N THR B 151 -21.85 7.03 7.89
CA THR B 151 -23.16 7.56 8.20
C THR B 151 -23.03 9.00 8.70
N GLN B 152 -24.18 9.68 8.83
CA GLN B 152 -24.15 11.04 9.35
C GLN B 152 -23.63 11.07 10.79
N GLU B 153 -23.99 10.06 11.59
CA GLU B 153 -23.49 10.01 12.96
C GLU B 153 -21.99 9.74 13.01
N GLU B 154 -21.44 9.09 11.98
CA GLU B 154 -20.01 8.80 11.94
C GLU B 154 -19.17 9.97 11.45
N LEU B 155 -19.72 10.83 10.61
CA LEU B 155 -18.96 11.98 10.12
C LEU B 155 -18.73 12.99 11.25
N PRO B 156 -17.49 13.23 11.66
CA PRO B 156 -17.27 14.16 12.78
C PRO B 156 -17.31 15.60 12.34
N LYS B 157 -17.94 16.45 13.16
CA LYS B 157 -17.81 17.88 13.01
CA LYS B 157 -17.82 17.89 13.01
C LYS B 157 -16.76 18.48 13.93
N THR B 158 -16.30 17.72 14.91
CA THR B 158 -15.29 18.04 15.92
C THR B 158 -15.14 16.81 16.80
N GLU B 159 -13.99 16.68 17.42
CA GLU B 159 -13.74 15.59 18.35
C GLU B 159 -12.93 16.10 19.53
N SER B 160 -13.27 15.59 20.72
CA SER B 160 -12.39 15.57 21.87
C SER B 160 -11.58 14.27 21.86
N LEU B 161 -10.61 14.15 22.77
CA LEU B 161 -9.91 12.87 22.87
C LEU B 161 -10.89 11.76 23.21
N LYS B 162 -11.87 12.04 24.08
CA LYS B 162 -12.89 11.05 24.42
C LYS B 162 -13.61 10.53 23.18
N LEU B 163 -14.09 11.44 22.32
CA LEU B 163 -14.78 10.99 21.12
C LEU B 163 -13.85 10.21 20.18
N THR B 164 -12.55 10.56 20.16
CA THR B 164 -11.58 9.79 19.38
C THR B 164 -11.47 8.37 19.92
N VAL B 165 -11.36 8.24 21.25
CA VAL B 165 -11.35 6.92 21.86
C VAL B 165 -12.60 6.14 21.46
N ASP B 166 -13.77 6.80 21.51
CA ASP B 166 -15.02 6.12 21.20
C ASP B 166 -15.04 5.61 19.76
N ARG B 167 -14.30 6.30 18.87
CA ARG B 167 -14.24 5.93 17.46
C ARG B 167 -13.18 4.85 17.20
N VAL B 168 -12.05 4.92 17.92
CA VAL B 168 -10.96 3.97 17.66
C VAL B 168 -11.25 2.60 18.24
N LEU B 169 -11.70 2.54 19.49
CA LEU B 169 -11.75 1.26 20.18
C LEU B 169 -12.66 0.22 19.54
N PRO B 170 -13.81 0.56 18.93
CA PRO B 170 -14.55 -0.48 18.21
C PRO B 170 -13.73 -1.12 17.11
N TYR B 171 -12.86 -0.34 16.47
CA TYR B 171 -12.01 -0.90 15.42
C TYR B 171 -10.97 -1.86 16.00
N TRP B 172 -10.35 -1.48 17.13
CA TRP B 172 -9.49 -2.41 17.85
C TRP B 172 -10.24 -3.69 18.19
N ASN B 173 -11.37 -3.57 18.88
CA ASN B 173 -12.07 -4.75 19.37
C ASN B 173 -12.57 -5.62 18.22
N ASP B 174 -13.06 -5.01 17.15
CA ASP B 174 -13.75 -5.76 16.10
C ASP B 174 -12.81 -6.27 15.03
N VAL B 175 -11.71 -5.57 14.77
CA VAL B 175 -10.87 -5.88 13.61
C VAL B 175 -9.43 -6.16 14.01
N ILE B 176 -8.76 -5.22 14.70
CA ILE B 176 -7.33 -5.38 14.94
C ILE B 176 -7.06 -6.45 15.99
N ALA B 177 -7.77 -6.41 17.13
CA ALA B 177 -7.50 -7.38 18.18
C ALA B 177 -7.65 -8.81 17.68
N PRO B 178 -8.70 -9.18 16.93
CA PRO B 178 -8.75 -10.55 16.40
C PRO B 178 -7.55 -10.92 15.55
N SER B 179 -7.04 -10.00 14.72
CA SER B 179 -5.88 -10.37 13.93
CA SER B 179 -5.84 -10.26 13.92
C SER B 179 -4.64 -10.55 14.80
N VAL B 180 -4.48 -9.77 15.88
CA VAL B 180 -3.39 -10.03 16.82
C VAL B 180 -3.53 -11.41 17.45
N LYS B 181 -4.77 -11.78 17.85
CA LYS B 181 -4.97 -13.05 18.52
C LYS B 181 -4.77 -14.24 17.56
N GLU B 182 -4.94 -14.03 16.26
CA GLU B 182 -4.64 -15.06 15.27
C GLU B 182 -3.14 -15.31 15.15
N GLY B 183 -2.29 -14.49 15.76
CA GLY B 183 -0.86 -14.65 15.64
C GLY B 183 -0.23 -13.79 14.56
N LYS B 184 -1.02 -12.96 13.87
CA LYS B 184 -0.42 -12.07 12.88
CA LYS B 184 -0.42 -12.07 12.88
C LYS B 184 0.37 -10.98 13.59
N ARG B 185 1.63 -10.81 13.20
CA ARG B 185 2.46 -9.76 13.79
C ARG B 185 2.06 -8.43 13.18
N VAL B 186 1.38 -7.59 13.95
CA VAL B 186 0.72 -6.38 13.46
C VAL B 186 1.61 -5.16 13.66
N LEU B 187 1.64 -4.31 12.63
CA LEU B 187 2.26 -2.99 12.66
C LEU B 187 1.15 -1.98 12.43
N ILE B 188 1.02 -0.99 13.32
CA ILE B 188 0.02 0.08 13.14
C ILE B 188 0.76 1.38 12.97
N ALA B 189 0.54 2.04 11.83
CA ALA B 189 1.09 3.37 11.59
C ALA B 189 -0.06 4.36 11.71
N ALA B 190 -0.01 5.22 12.73
CA ALA B 190 -1.14 6.14 12.89
C ALA B 190 -0.72 7.46 13.55
N HIS B 191 -1.58 8.00 14.41
CA HIS B 191 -1.46 9.38 14.85
C HIS B 191 -1.43 9.48 16.38
N GLY B 192 -0.99 10.63 16.86
CA GLY B 192 -0.92 10.89 18.29
C GLY B 192 -2.14 10.45 19.07
N ASN B 193 -3.32 10.97 18.69
CA ASN B 193 -4.50 10.71 19.51
C ASN B 193 -5.11 9.35 19.25
N SER B 194 -5.03 8.81 18.02
CA SER B 194 -5.58 7.47 17.83
C SER B 194 -4.70 6.41 18.52
N LEU B 195 -3.39 6.64 18.60
CA LEU B 195 -2.54 5.71 19.33
C LEU B 195 -2.69 5.91 20.83
N ARG B 196 -2.91 7.14 21.28
CA ARG B 196 -3.29 7.36 22.68
C ARG B 196 -4.53 6.54 23.05
N ALA B 197 -5.53 6.52 22.17
CA ALA B 197 -6.73 5.74 22.46
C ALA B 197 -6.39 4.26 22.65
N LEU B 198 -5.58 3.69 21.76
CA LEU B 198 -5.24 2.28 21.89
C LEU B 198 -4.52 2.01 23.20
N VAL B 199 -3.55 2.85 23.54
CA VAL B 199 -2.79 2.53 24.74
CA VAL B 199 -2.75 2.64 24.75
C VAL B 199 -3.61 2.84 25.98
N LYS B 200 -4.52 3.82 25.93
CA LYS B 200 -5.42 4.04 27.06
C LYS B 200 -6.20 2.77 27.37
N TYR B 201 -6.70 2.09 26.33
CA TYR B 201 -7.45 0.86 26.53
C TYR B 201 -6.55 -0.27 26.99
N LEU B 202 -5.40 -0.44 26.33
CA LEU B 202 -4.55 -1.58 26.66
C LEU B 202 -4.07 -1.53 28.10
N ASP B 203 -3.65 -0.35 28.57
CA ASP B 203 -3.09 -0.20 29.91
C ASP B 203 -4.08 0.34 30.93
N ASN B 204 -5.35 0.52 30.55
CA ASN B 204 -6.38 1.01 31.47
C ASN B 204 -5.95 2.34 32.11
N ILE B 205 -5.53 3.28 31.26
CA ILE B 205 -5.00 4.56 31.72
C ILE B 205 -6.14 5.51 32.05
N SER B 206 -6.01 6.21 33.18
CA SER B 206 -7.01 7.19 33.60
C SER B 206 -7.07 8.36 32.60
N GLU B 207 -8.22 9.06 32.61
CA GLU B 207 -8.34 10.30 31.85
C GLU B 207 -7.23 11.28 32.23
N GLU B 208 -6.97 11.42 33.53
CA GLU B 208 -5.97 12.38 33.99
C GLU B 208 -4.59 12.05 33.45
N GLU B 209 -4.26 10.76 33.38
CA GLU B 209 -2.94 10.38 32.89
C GLU B 209 -2.87 10.43 31.36
N ILE B 210 -3.93 10.02 30.66
CA ILE B 210 -3.78 9.85 29.22
C ILE B 210 -3.55 11.20 28.53
N VAL B 211 -4.10 12.29 29.08
CA VAL B 211 -3.87 13.60 28.49
C VAL B 211 -2.44 14.09 28.66
N GLU B 212 -1.66 13.46 29.55
CA GLU B 212 -0.26 13.83 29.72
C GLU B 212 0.68 12.94 28.91
N LEU B 213 0.15 11.93 28.22
CA LEU B 213 1.00 10.99 27.50
C LEU B 213 1.35 11.58 26.13
N ASN B 214 2.65 11.73 25.87
CA ASN B 214 3.15 12.28 24.60
C ASN B 214 3.95 11.17 23.92
N ILE B 215 3.35 10.51 22.93
CA ILE B 215 4.04 9.44 22.21
C ILE B 215 5.03 10.09 21.25
N PRO B 216 6.32 9.75 21.29
CA PRO B 216 7.27 10.41 20.39
C PRO B 216 7.03 9.95 18.96
N THR B 217 7.28 10.85 18.02
CA THR B 217 7.09 10.50 16.61
C THR B 217 8.28 9.69 16.11
N GLY B 218 7.99 8.77 15.18
CA GLY B 218 9.02 8.03 14.50
C GLY B 218 9.75 7.02 15.36
N VAL B 219 9.21 6.68 16.53
CA VAL B 219 9.85 5.76 17.46
C VAL B 219 8.94 4.55 17.62
N PRO B 220 9.36 3.37 17.18
CA PRO B 220 8.51 2.19 17.36
C PRO B 220 8.20 1.96 18.82
N LEU B 221 6.94 1.74 19.11
CA LEU B 221 6.42 1.46 20.45
C LEU B 221 5.90 0.02 20.43
N VAL B 222 6.54 -0.86 21.20
CA VAL B 222 6.23 -2.30 21.20
C VAL B 222 5.41 -2.63 22.43
N TYR B 223 4.27 -3.28 22.24
CA TYR B 223 3.52 -3.90 23.33
C TYR B 223 3.67 -5.41 23.28
N GLU B 224 4.08 -6.01 24.40
CA GLU B 224 4.02 -7.46 24.59
C GLU B 224 2.67 -7.77 25.22
N LEU B 225 1.86 -8.61 24.57
CA LEU B 225 0.52 -8.94 25.04
C LEU B 225 0.43 -10.43 25.32
N ASP B 226 -0.26 -10.81 26.40
CA ASP B 226 -0.39 -12.23 26.70
C ASP B 226 -1.56 -12.85 25.94
N GLU B 227 -1.88 -14.12 26.26
CA GLU B 227 -2.88 -14.86 25.51
C GLU B 227 -4.27 -14.22 25.57
N ASN B 228 -4.52 -13.35 26.54
CA ASN B 228 -5.77 -12.63 26.64
C ASN B 228 -5.65 -11.18 26.16
N LEU B 229 -4.53 -10.85 25.51
CA LEU B 229 -4.20 -9.51 25.04
C LEU B 229 -4.02 -8.52 26.17
N LYS B 230 -3.81 -9.00 27.39
CA LYS B 230 -3.40 -8.11 28.46
C LYS B 230 -1.93 -7.77 28.31
N PRO B 231 -1.54 -6.51 28.42
CA PRO B 231 -0.11 -6.17 28.27
C PRO B 231 0.74 -6.85 29.32
N ILE B 232 1.88 -7.36 28.88
CA ILE B 232 2.94 -7.83 29.77
C ILE B 232 3.89 -6.69 30.11
N LYS B 233 4.24 -5.90 29.10
CA LYS B 233 5.13 -4.76 29.24
C LYS B 233 5.08 -4.05 27.91
N HIS B 234 5.58 -2.81 27.88
CA HIS B 234 5.77 -2.10 26.63
C HIS B 234 7.07 -1.32 26.71
N TYR B 235 7.62 -0.99 25.54
CA TYR B 235 8.89 -0.29 25.48
C TYR B 235 9.06 0.34 24.10
N TYR B 236 9.82 1.44 24.06
CA TYR B 236 10.21 2.05 22.80
C TYR B 236 11.51 1.42 22.30
N LEU B 237 11.66 1.39 20.98
CA LEU B 237 12.86 0.87 20.35
C LEU B 237 13.78 2.01 19.94
N GLY B 238 15.07 1.91 20.30
CA GLY B 238 16.03 2.88 19.87
C GLY B 238 16.93 3.29 21.02
N ASP B 239 17.59 4.44 20.85
CA ASP B 239 18.44 5.02 21.88
C ASP B 239 17.56 5.66 22.96
N GLN B 240 17.51 5.04 24.15
CA GLN B 240 16.55 5.47 25.17
C GLN B 240 16.80 6.91 25.62
N GLU B 241 18.07 7.31 25.73
CA GLU B 241 18.38 8.69 26.09
C GLU B 241 17.86 9.65 25.04
N LEU B 242 18.12 9.35 23.76
CA LEU B 242 17.60 10.19 22.67
C LEU B 242 16.08 10.22 22.66
N ILE B 243 15.45 9.07 22.88
CA ILE B 243 13.99 9.02 22.91
C ILE B 243 13.46 9.91 24.04
N GLN B 244 14.10 9.85 25.21
CA GLN B 244 13.66 10.70 26.31
C GLN B 244 13.89 12.17 25.99
N GLN B 245 15.01 12.51 25.32
CA GLN B 245 15.22 13.87 24.86
C GLN B 245 14.04 14.35 24.02
N LYS B 246 13.62 13.52 23.06
CA LYS B 246 12.50 13.88 22.19
C LYS B 246 11.22 14.06 22.99
N ILE B 247 10.90 13.10 23.85
CA ILE B 247 9.70 13.22 24.69
C ILE B 247 9.78 14.47 25.55
N ASN B 248 10.91 14.66 26.25
CA ASN B 248 11.04 15.79 27.17
C ASN B 248 10.82 17.11 26.45
N SER B 249 11.57 17.36 25.38
CA SER B 249 11.40 18.57 24.57
C SER B 249 10.24 18.30 23.60
N VAL B 250 9.03 18.52 24.10
CA VAL B 250 7.82 18.45 23.29
C VAL B 250 6.74 19.33 23.91
#